data_1RRK
#
_entry.id   1RRK
#
_cell.length_a   98.980
_cell.length_b   98.980
_cell.length_c   126.428
_cell.angle_alpha   90.00
_cell.angle_beta   90.00
_cell.angle_gamma   120.00
#
_symmetry.space_group_name_H-M   'P 61'
#
loop_
_entity.id
_entity.type
_entity.pdbx_description
1 polymer 'Complement factor B'
2 non-polymer 'IODIDE ION'
3 non-polymer 'SODIUM ION'
4 non-polymer 'COBALT (II) ION'
5 water water
#
_entity_poly.entity_id   1
_entity_poly.type   'polypeptide(L)'
_entity_poly.pdbx_seq_one_letter_code
;SMNIYLVLDGSDSIGASNFTGAKKVLVNLIEKVASYGVKPRYGLVTYATYPKIWVKVSEADSSNADWVTKQLNEINYEDH
KLKSGTNTKKALQAVYSMMSWPDDVPPEGWNRTRHVIILMTDGLHNMGGDPITVIDEIRDLLYIGKDRKNPREDYLDVYV
FGVGPLVNQVNINALASKKDNEQHVCKVKDMECLEDVFYQMIDESQSLSLCGMVWEHRKGTDYHKQPWQAKISVIRPSKG
HESCMGAVVSEYFVLTAAHCFTVDDKEHSIKVSVGGEKRDLEIEVVLFHPNYNINGKKEAGIPEFYDYDVALIKLKNKLK
YGQTIRPICLPCTEGTTRALRLPPTTTCQQQKEELLPAQDIKALFVSEEEKKLTRKEVYIKNGDKKGSCERDAQYAPGYD
KVKDISEVVTPRFLCTGGVSPYADPNTCRGDSGGPLIVHKRSRFIQVGVISWGVVDVCKNQKRQKQVPAHARDFHINLFQ
VLPWLKEKLQDEDLGFL
;
_entity_poly.pdbx_strand_id   A
#
# COMPACT_ATOMS: atom_id res chain seq x y z
N SER A 1 -9.96 16.03 12.86
CA SER A 1 -10.12 15.03 13.97
C SER A 1 -11.24 14.04 13.69
N MET A 2 -10.93 12.75 13.84
CA MET A 2 -11.91 11.69 13.58
C MET A 2 -11.85 10.61 14.66
N ASN A 3 -13.02 10.23 15.16
CA ASN A 3 -13.15 9.19 16.16
C ASN A 3 -13.92 8.02 15.54
N ILE A 4 -13.39 6.81 15.69
CA ILE A 4 -14.04 5.62 15.17
C ILE A 4 -14.34 4.67 16.34
N TYR A 5 -15.63 4.38 16.55
CA TYR A 5 -16.05 3.51 17.64
C TYR A 5 -16.42 2.13 17.14
N LEU A 6 -15.60 1.15 17.51
CA LEU A 6 -15.80 -0.23 17.12
C LEU A 6 -16.58 -0.93 18.23
N VAL A 7 -17.80 -1.34 17.91
CA VAL A 7 -18.67 -1.98 18.88
C VAL A 7 -19.00 -3.39 18.40
N LEU A 8 -18.53 -4.38 19.15
CA LEU A 8 -18.72 -5.77 18.77
C LEU A 8 -19.60 -6.57 19.72
N ASP A 9 -20.66 -7.14 19.16
CA ASP A 9 -21.62 -7.96 19.87
C ASP A 9 -20.94 -9.28 20.19
N GLY A 10 -20.84 -9.60 21.48
CA GLY A 10 -20.21 -10.85 21.89
C GLY A 10 -21.20 -11.79 22.60
N SER A 11 -22.48 -11.63 22.29
CA SER A 11 -23.52 -12.46 22.91
C SER A 11 -23.53 -13.86 22.32
N ASP A 12 -24.35 -14.72 22.95
CA ASP A 12 -24.52 -16.12 22.57
C ASP A 12 -24.92 -16.39 21.13
N SER A 13 -25.75 -15.52 20.56
CA SER A 13 -26.21 -15.73 19.19
C SER A 13 -25.16 -15.47 18.12
N ILE A 14 -24.06 -14.84 18.49
CA ILE A 14 -22.99 -14.54 17.53
C ILE A 14 -22.09 -15.75 17.31
N GLY A 15 -21.64 -16.38 18.39
CA GLY A 15 -20.79 -17.54 18.26
C GLY A 15 -19.31 -17.20 18.13
N ALA A 16 -18.46 -18.10 18.59
CA ALA A 16 -17.02 -17.91 18.56
C ALA A 16 -16.43 -17.63 17.19
N SER A 17 -16.74 -18.47 16.21
CA SER A 17 -16.18 -18.28 14.87
C SER A 17 -16.55 -16.93 14.25
N ASN A 18 -17.82 -16.58 14.25
CA ASN A 18 -18.23 -15.31 13.66
C ASN A 18 -17.73 -14.10 14.44
N PHE A 19 -17.48 -14.28 15.73
CA PHE A 19 -16.95 -13.20 16.55
C PHE A 19 -15.52 -12.94 16.07
N THR A 20 -14.77 -14.01 15.86
CA THR A 20 -13.39 -13.91 15.39
C THR A 20 -13.40 -13.33 13.97
N GLY A 21 -14.33 -13.79 13.14
CA GLY A 21 -14.43 -13.29 11.78
C GLY A 21 -14.71 -11.79 11.80
N ALA A 22 -15.55 -11.36 12.74
CA ALA A 22 -15.88 -9.94 12.86
C ALA A 22 -14.66 -9.10 13.26
N LYS A 23 -13.84 -9.61 14.17
CA LYS A 23 -12.64 -8.90 14.58
C LYS A 23 -11.71 -8.70 13.39
N LYS A 24 -11.65 -9.71 12.53
CA LYS A 24 -10.82 -9.68 11.32
C LYS A 24 -11.17 -8.48 10.47
N VAL A 25 -12.46 -8.26 10.26
CA VAL A 25 -12.92 -7.14 9.47
C VAL A 25 -12.42 -5.85 10.11
N LEU A 26 -12.49 -5.79 11.43
CA LEU A 26 -12.04 -4.60 12.14
C LEU A 26 -10.51 -4.44 12.02
N VAL A 27 -9.76 -5.53 12.17
CA VAL A 27 -8.30 -5.46 12.05
C VAL A 27 -7.91 -4.92 10.67
N ASN A 28 -8.52 -5.47 9.64
CA ASN A 28 -8.24 -5.06 8.26
C ASN A 28 -8.60 -3.61 8.02
N LEU A 29 -9.70 -3.16 8.62
CA LEU A 29 -10.14 -1.78 8.46
C LEU A 29 -9.13 -0.82 9.08
N ILE A 30 -8.69 -1.12 10.30
CA ILE A 30 -7.71 -0.27 10.98
C ILE A 30 -6.46 -0.15 10.14
N GLU A 31 -6.04 -1.27 9.56
CA GLU A 31 -4.86 -1.30 8.71
C GLU A 31 -5.03 -0.46 7.45
N LYS A 32 -6.17 -0.57 6.79
CA LYS A 32 -6.37 0.22 5.57
C LYS A 32 -6.43 1.71 5.86
N VAL A 33 -7.11 2.08 6.95
CA VAL A 33 -7.20 3.48 7.34
C VAL A 33 -5.80 4.02 7.62
N ALA A 34 -5.00 3.25 8.35
CA ALA A 34 -3.64 3.65 8.67
C ALA A 34 -2.80 3.82 7.41
N SER A 35 -2.97 2.92 6.45
CA SER A 35 -2.21 2.97 5.21
C SER A 35 -2.46 4.28 4.45
N TYR A 36 -3.57 4.94 4.74
CA TYR A 36 -3.87 6.22 4.09
C TYR A 36 -3.26 7.39 4.83
N GLY A 37 -2.52 7.11 5.89
CA GLY A 37 -1.90 8.20 6.65
C GLY A 37 -2.88 8.89 7.56
N VAL A 38 -4.05 8.28 7.75
CA VAL A 38 -5.09 8.85 8.61
C VAL A 38 -4.92 8.28 10.02
N LYS A 39 -5.03 9.14 11.03
CA LYS A 39 -4.89 8.73 12.44
C LYS A 39 -6.10 9.06 13.32
N PRO A 40 -7.17 8.26 13.23
CA PRO A 40 -8.30 8.60 14.08
C PRO A 40 -8.10 8.08 15.51
N ARG A 41 -8.94 8.52 16.43
CA ARG A 41 -8.90 8.02 17.80
C ARG A 41 -9.90 6.88 17.83
N TYR A 42 -9.50 5.72 18.34
CA TYR A 42 -10.39 4.58 18.40
C TYR A 42 -11.02 4.31 19.76
N GLY A 43 -12.22 3.76 19.69
CA GLY A 43 -12.96 3.34 20.86
C GLY A 43 -13.21 1.87 20.54
N LEU A 44 -13.07 0.99 21.52
CA LEU A 44 -13.29 -0.43 21.27
C LEU A 44 -14.10 -1.00 22.41
N VAL A 45 -15.27 -1.52 22.04
CA VAL A 45 -16.23 -2.06 23.01
C VAL A 45 -16.81 -3.40 22.58
N THR A 46 -16.91 -4.35 23.53
CA THR A 46 -17.57 -5.63 23.23
C THR A 46 -18.80 -5.59 24.13
N TYR A 47 -19.84 -6.34 23.79
CA TYR A 47 -21.04 -6.29 24.63
C TYR A 47 -21.98 -7.46 24.53
N ALA A 48 -22.78 -7.61 25.58
CA ALA A 48 -23.79 -8.64 25.71
C ALA A 48 -24.75 -8.06 26.75
N THR A 49 -24.86 -8.68 27.91
CA THR A 49 -25.76 -8.14 28.93
C THR A 49 -25.26 -6.73 29.29
N TYR A 50 -23.93 -6.59 29.35
CA TYR A 50 -23.29 -5.32 29.66
C TYR A 50 -22.14 -5.08 28.69
N PRO A 51 -21.70 -3.82 28.56
CA PRO A 51 -20.60 -3.47 27.66
C PRO A 51 -19.27 -3.61 28.40
N LYS A 52 -18.20 -3.82 27.65
CA LYS A 52 -16.87 -3.89 28.23
C LYS A 52 -16.04 -3.00 27.35
N ILE A 53 -15.46 -1.96 27.93
CA ILE A 53 -14.66 -0.99 27.20
C ILE A 53 -13.21 -1.46 27.20
N TRP A 54 -12.65 -1.63 26.01
CA TRP A 54 -11.26 -2.06 25.89
C TRP A 54 -10.36 -0.88 25.58
N VAL A 55 -10.90 0.07 24.82
CA VAL A 55 -10.16 1.27 24.43
C VAL A 55 -11.12 2.46 24.41
N LYS A 56 -10.69 3.57 25.00
CA LYS A 56 -11.48 4.80 25.06
C LYS A 56 -10.78 5.87 24.21
N VAL A 57 -11.54 6.65 23.46
CA VAL A 57 -10.98 7.69 22.62
C VAL A 57 -10.16 8.73 23.39
N SER A 58 -10.50 8.92 24.67
CA SER A 58 -9.79 9.90 25.50
C SER A 58 -8.36 9.46 25.80
N GLU A 59 -8.07 8.17 25.62
CA GLU A 59 -6.73 7.64 25.86
C GLU A 59 -5.74 8.11 24.81
N ALA A 60 -4.54 8.46 25.24
CA ALA A 60 -3.50 8.92 24.32
C ALA A 60 -3.17 7.87 23.27
N ASP A 61 -3.06 6.61 23.70
CA ASP A 61 -2.76 5.50 22.80
C ASP A 61 -3.91 5.09 21.87
N SER A 62 -5.09 5.70 22.04
CA SER A 62 -6.23 5.33 21.20
C SER A 62 -6.03 5.68 19.73
N SER A 63 -5.06 6.55 19.45
CA SER A 63 -4.77 6.95 18.06
C SER A 63 -3.54 6.22 17.52
N ASN A 64 -3.11 5.21 18.25
CA ASN A 64 -1.95 4.40 17.86
C ASN A 64 -2.51 3.09 17.28
N ALA A 65 -2.60 3.03 15.96
CA ALA A 65 -3.15 1.86 15.28
C ALA A 65 -2.54 0.52 15.65
N ASP A 66 -1.22 0.47 15.85
CA ASP A 66 -0.56 -0.78 16.24
C ASP A 66 -1.05 -1.22 17.63
N TRP A 67 -1.17 -0.27 18.54
CA TRP A 67 -1.60 -0.55 19.90
C TRP A 67 -3.06 -0.97 19.94
N VAL A 68 -3.91 -0.31 19.15
CA VAL A 68 -5.33 -0.65 19.09
C VAL A 68 -5.51 -2.04 18.50
N THR A 69 -4.76 -2.31 17.43
CA THR A 69 -4.82 -3.63 16.78
C THR A 69 -4.40 -4.70 17.79
N LYS A 70 -3.40 -4.37 18.61
CA LYS A 70 -2.91 -5.30 19.63
C LYS A 70 -4.05 -5.61 20.60
N GLN A 71 -4.70 -4.55 21.10
CA GLN A 71 -5.81 -4.71 22.02
C GLN A 71 -6.87 -5.62 21.40
N LEU A 72 -7.28 -5.28 20.18
CA LEU A 72 -8.28 -6.05 19.46
C LEU A 72 -7.87 -7.52 19.31
N ASN A 73 -6.60 -7.75 19.02
CA ASN A 73 -6.09 -9.11 18.86
C ASN A 73 -6.14 -9.90 20.16
N GLU A 74 -5.98 -9.20 21.28
CA GLU A 74 -5.99 -9.86 22.60
C GLU A 74 -7.39 -10.17 23.12
N ILE A 75 -8.41 -9.61 22.46
CA ILE A 75 -9.80 -9.85 22.88
C ILE A 75 -10.21 -11.27 22.54
N ASN A 76 -10.70 -11.99 23.54
CA ASN A 76 -11.15 -13.36 23.33
C ASN A 76 -12.65 -13.41 23.56
N TYR A 77 -13.33 -14.16 22.70
CA TYR A 77 -14.78 -14.30 22.79
C TYR A 77 -15.21 -14.58 24.23
N GLU A 78 -14.56 -15.54 24.87
CA GLU A 78 -14.91 -15.93 26.24
C GLU A 78 -14.65 -14.86 27.30
N ASP A 79 -13.94 -13.81 26.93
CA ASP A 79 -13.65 -12.72 27.85
C ASP A 79 -14.93 -11.98 28.25
N HIS A 80 -15.85 -11.84 27.30
CA HIS A 80 -17.09 -11.13 27.61
C HIS A 80 -18.08 -12.10 28.24
N LYS A 81 -18.46 -11.84 29.49
CA LYS A 81 -19.37 -12.72 30.22
C LYS A 81 -20.84 -12.37 30.05
N LEU A 82 -21.70 -13.20 30.64
CA LEU A 82 -23.15 -13.00 30.60
C LEU A 82 -23.62 -12.90 29.15
N LYS A 83 -23.33 -13.93 28.36
CA LYS A 83 -23.67 -13.97 26.94
C LYS A 83 -25.15 -14.19 26.63
N SER A 84 -25.92 -14.58 27.65
CA SER A 84 -27.36 -14.84 27.48
C SER A 84 -28.15 -13.57 27.23
N GLY A 85 -27.58 -12.43 27.56
CA GLY A 85 -28.28 -11.18 27.35
C GLY A 85 -27.62 -10.37 26.24
N THR A 86 -28.41 -9.53 25.59
CA THR A 86 -27.91 -8.67 24.52
C THR A 86 -28.55 -7.29 24.69
N ASN A 87 -27.77 -6.36 25.24
CA ASN A 87 -28.27 -5.02 25.45
C ASN A 87 -27.53 -4.04 24.56
N THR A 88 -28.05 -3.83 23.36
CA THR A 88 -27.41 -2.93 22.40
C THR A 88 -27.55 -1.47 22.84
N LYS A 89 -28.61 -1.17 23.56
CA LYS A 89 -28.81 0.20 24.04
C LYS A 89 -27.63 0.60 24.92
N LYS A 90 -27.24 -0.27 25.84
CA LYS A 90 -26.13 0.02 26.73
C LYS A 90 -24.81 0.15 26.00
N ALA A 91 -24.63 -0.64 24.94
CA ALA A 91 -23.40 -0.59 24.17
C ALA A 91 -23.25 0.80 23.56
N LEU A 92 -24.34 1.33 23.02
CA LEU A 92 -24.30 2.65 22.43
C LEU A 92 -24.18 3.75 23.48
N GLN A 93 -24.64 3.47 24.69
CA GLN A 93 -24.53 4.48 25.75
C GLN A 93 -23.05 4.61 26.11
N ALA A 94 -22.33 3.50 26.00
CA ALA A 94 -20.90 3.50 26.28
C ALA A 94 -20.21 4.44 25.28
N VAL A 95 -20.72 4.47 24.04
CA VAL A 95 -20.15 5.35 23.03
C VAL A 95 -20.53 6.80 23.37
N TYR A 96 -21.78 6.99 23.78
CA TYR A 96 -22.27 8.32 24.15
C TYR A 96 -21.36 8.92 25.22
N SER A 97 -20.96 8.10 26.18
CA SER A 97 -20.10 8.54 27.27
C SER A 97 -18.75 9.05 26.75
N MET A 98 -18.24 8.40 25.71
CA MET A 98 -16.95 8.79 25.12
C MET A 98 -17.07 10.13 24.41
N MET A 99 -18.26 10.45 23.93
CA MET A 99 -18.50 11.71 23.24
C MET A 99 -18.82 12.79 24.25
N SER A 100 -19.34 12.38 25.41
CA SER A 100 -19.69 13.32 26.48
C SER A 100 -18.53 14.13 26.96
N TRP A 101 -18.87 15.28 27.53
CA TRP A 101 -17.82 16.16 28.04
C TRP A 101 -18.26 16.71 29.37
N PRO A 102 -17.69 16.15 30.43
CA PRO A 102 -18.02 16.55 31.79
C PRO A 102 -16.97 17.50 32.37
N GLY A 109 -12.61 22.13 20.69
CA GLY A 109 -13.09 22.09 19.32
C GLY A 109 -13.90 20.85 19.02
N TRP A 110 -14.83 20.53 19.91
CA TRP A 110 -15.68 19.36 19.78
C TRP A 110 -16.47 19.36 18.48
N ASN A 111 -16.81 20.55 18.00
CA ASN A 111 -17.59 20.71 16.78
C ASN A 111 -16.83 20.35 15.52
N ARG A 112 -15.54 20.11 15.63
CA ARG A 112 -14.73 19.76 14.47
C ARG A 112 -14.44 18.26 14.36
N THR A 113 -14.76 17.51 15.39
CA THR A 113 -14.53 16.06 15.38
C THR A 113 -15.64 15.31 14.66
N ARG A 114 -15.27 14.50 13.67
CA ARG A 114 -16.24 13.69 12.94
C ARG A 114 -16.30 12.33 13.64
N HIS A 115 -17.50 11.81 13.87
CA HIS A 115 -17.64 10.53 14.57
C HIS A 115 -18.18 9.42 13.69
N VAL A 116 -17.55 8.24 13.79
CA VAL A 116 -17.98 7.07 13.02
C VAL A 116 -18.18 5.86 13.92
N ILE A 117 -19.43 5.41 14.00
CA ILE A 117 -19.77 4.24 14.80
C ILE A 117 -19.91 3.04 13.87
N ILE A 118 -19.21 1.97 14.21
CA ILE A 118 -19.27 0.74 13.43
C ILE A 118 -19.75 -0.35 14.39
N LEU A 119 -21.02 -0.69 14.27
CA LEU A 119 -21.68 -1.69 15.10
C LEU A 119 -21.79 -3.03 14.38
N MET A 120 -21.25 -4.07 15.00
CA MET A 120 -21.31 -5.40 14.42
C MET A 120 -22.19 -6.24 15.33
N THR A 121 -23.37 -6.60 14.83
CA THR A 121 -24.35 -7.37 15.59
C THR A 121 -25.31 -8.09 14.64
N ASP A 122 -26.15 -8.96 15.19
CA ASP A 122 -27.14 -9.67 14.38
C ASP A 122 -28.48 -8.96 14.54
N GLY A 123 -28.47 -7.86 15.29
CA GLY A 123 -29.67 -7.07 15.51
C GLY A 123 -30.71 -7.64 16.46
N LEU A 124 -30.36 -8.65 17.24
CA LEU A 124 -31.31 -9.26 18.16
C LEU A 124 -31.21 -8.83 19.63
N HIS A 125 -31.36 -7.54 19.91
CA HIS A 125 -31.29 -7.12 21.31
C HIS A 125 -32.51 -7.63 22.07
N ASN A 126 -32.27 -8.20 23.25
CA ASN A 126 -33.35 -8.74 24.07
C ASN A 126 -33.35 -8.15 25.47
N MET A 127 -32.58 -7.08 25.67
CA MET A 127 -32.51 -6.41 26.96
C MET A 127 -32.41 -4.91 26.74
N GLY A 128 -32.91 -4.15 27.70
CA GLY A 128 -32.88 -2.71 27.60
C GLY A 128 -33.93 -2.25 26.61
N GLY A 129 -34.05 -0.93 26.44
CA GLY A 129 -35.03 -0.41 25.51
C GLY A 129 -34.53 -0.36 24.08
N ASP A 130 -35.18 0.47 23.28
CA ASP A 130 -34.83 0.62 21.87
C ASP A 130 -33.55 1.45 21.69
N PRO A 131 -32.48 0.83 21.14
CA PRO A 131 -31.18 1.47 20.90
C PRO A 131 -31.24 2.75 20.07
N ILE A 132 -32.27 2.88 19.23
CA ILE A 132 -32.43 4.06 18.38
C ILE A 132 -32.44 5.32 19.21
N THR A 133 -32.94 5.21 20.44
CA THR A 133 -33.03 6.35 21.32
C THR A 133 -31.66 6.97 21.60
N VAL A 134 -30.66 6.13 21.80
CA VAL A 134 -29.31 6.61 22.08
C VAL A 134 -28.74 7.38 20.89
N ILE A 135 -29.05 6.93 19.68
CA ILE A 135 -28.56 7.63 18.49
C ILE A 135 -29.14 9.04 18.49
N ASP A 136 -30.39 9.16 18.91
CA ASP A 136 -31.06 10.45 18.97
C ASP A 136 -30.37 11.34 19.98
N GLU A 137 -29.95 10.75 21.10
CA GLU A 137 -29.24 11.52 22.12
C GLU A 137 -27.88 11.96 21.62
N ILE A 138 -27.26 11.11 20.80
CA ILE A 138 -25.94 11.42 20.26
C ILE A 138 -26.03 12.57 19.27
N ARG A 139 -27.06 12.55 18.42
CA ARG A 139 -27.23 13.63 17.44
C ARG A 139 -27.48 14.95 18.17
N ASP A 140 -28.29 14.91 19.22
CA ASP A 140 -28.56 16.13 19.98
C ASP A 140 -27.25 16.61 20.62
N LEU A 141 -26.50 15.67 21.20
CA LEU A 141 -25.23 15.98 21.83
C LEU A 141 -24.23 16.63 20.87
N LEU A 142 -24.20 16.14 19.63
CA LEU A 142 -23.27 16.66 18.64
C LEU A 142 -23.89 17.77 17.81
N TYR A 143 -25.10 18.15 18.19
CA TYR A 143 -25.79 19.22 17.47
C TYR A 143 -26.00 18.91 15.97
N ILE A 144 -26.55 17.74 15.68
CA ILE A 144 -26.79 17.35 14.31
C ILE A 144 -28.30 17.35 14.00
N GLY A 145 -28.67 17.92 12.86
CA GLY A 145 -30.07 17.97 12.47
C GLY A 145 -30.78 19.01 13.30
N LYS A 146 -30.04 20.04 13.68
CA LYS A 146 -30.55 21.13 14.50
C LYS A 146 -30.80 22.42 13.72
N ASP A 147 -29.87 22.76 12.83
CA ASP A 147 -29.98 23.99 12.07
C ASP A 147 -29.75 23.75 10.58
N ARG A 148 -30.67 24.21 9.74
CA ARG A 148 -30.54 24.02 8.30
C ARG A 148 -29.94 25.25 7.64
N ASN A 150 -26.89 24.63 9.10
CA ASN A 150 -25.72 23.88 9.51
C ASN A 150 -26.14 22.53 10.12
N PRO A 151 -26.71 21.64 9.29
CA PRO A 151 -27.19 20.31 9.68
C PRO A 151 -26.12 19.48 10.38
N ARG A 152 -24.88 19.56 9.87
CA ARG A 152 -23.76 18.84 10.46
C ARG A 152 -23.90 17.32 10.36
N GLU A 153 -24.60 16.84 9.33
CA GLU A 153 -24.76 15.39 9.16
C GLU A 153 -23.41 14.73 8.88
N ASP A 154 -22.48 15.48 8.31
CA ASP A 154 -21.14 14.99 8.00
C ASP A 154 -20.34 14.59 9.24
N TYR A 155 -20.82 14.99 10.41
CA TYR A 155 -20.09 14.71 11.64
C TYR A 155 -20.47 13.43 12.35
N LEU A 156 -21.40 12.68 11.78
CA LEU A 156 -21.79 11.41 12.37
C LEU A 156 -22.16 10.40 11.30
N ASP A 157 -21.67 9.18 11.47
CA ASP A 157 -21.97 8.08 10.58
C ASP A 157 -22.12 6.86 11.47
N VAL A 158 -23.21 6.14 11.25
CA VAL A 158 -23.50 4.94 12.01
C VAL A 158 -23.60 3.80 11.02
N TYR A 159 -22.59 2.94 11.03
CA TYR A 159 -22.52 1.79 10.16
C TYR A 159 -22.92 0.57 10.96
N VAL A 160 -23.73 -0.29 10.35
CA VAL A 160 -24.13 -1.52 11.03
C VAL A 160 -23.82 -2.70 10.11
N PHE A 161 -22.94 -3.58 10.59
CA PHE A 161 -22.54 -4.75 9.83
C PHE A 161 -23.24 -5.96 10.43
N GLY A 162 -24.13 -6.56 9.65
CA GLY A 162 -24.87 -7.73 10.11
C GLY A 162 -23.99 -8.96 10.22
N VAL A 163 -23.91 -9.53 11.42
CA VAL A 163 -23.07 -10.70 11.64
C VAL A 163 -23.88 -11.99 11.69
N GLY A 164 -23.48 -12.97 10.88
CA GLY A 164 -24.15 -14.25 10.90
C GLY A 164 -25.27 -14.44 9.88
N PRO A 165 -25.73 -15.69 9.72
CA PRO A 165 -26.79 -16.10 8.80
C PRO A 165 -28.21 -15.76 9.26
N LEU A 166 -28.38 -15.62 10.57
CA LEU A 166 -29.68 -15.34 11.15
C LEU A 166 -29.73 -13.92 11.70
N VAL A 167 -29.83 -12.97 10.79
CA VAL A 167 -29.84 -11.56 11.14
C VAL A 167 -31.22 -10.91 10.99
N ASN A 168 -31.52 -9.95 11.87
CA ASN A 168 -32.78 -9.23 11.84
C ASN A 168 -32.57 -7.91 11.11
N GLN A 169 -32.74 -7.96 9.78
CA GLN A 169 -32.55 -6.81 8.92
C GLN A 169 -33.24 -5.53 9.32
N VAL A 170 -34.44 -5.63 9.90
CA VAL A 170 -35.18 -4.45 10.31
C VAL A 170 -34.49 -3.66 11.43
N ASN A 171 -34.06 -4.36 12.47
CA ASN A 171 -33.39 -3.68 13.59
C ASN A 171 -32.07 -3.07 13.16
N ILE A 172 -31.36 -3.75 12.27
CA ILE A 172 -30.08 -3.28 11.77
C ILE A 172 -30.23 -2.04 10.89
N ASN A 173 -31.25 -2.05 10.02
CA ASN A 173 -31.51 -0.92 9.13
C ASN A 173 -31.90 0.31 9.94
N ALA A 174 -32.66 0.08 11.01
CA ALA A 174 -33.15 1.15 11.89
C ALA A 174 -32.05 2.01 12.52
N LEU A 175 -30.97 1.37 12.96
CA LEU A 175 -29.86 2.08 13.61
C LEU A 175 -28.88 2.78 12.69
N ALA A 176 -28.67 2.23 11.50
CA ALA A 176 -27.71 2.80 10.54
C ALA A 176 -28.09 4.16 10.00
N SER A 177 -27.09 4.95 9.59
CA SER A 177 -27.32 6.27 9.02
C SER A 177 -28.10 6.10 7.72
N LYS A 178 -28.75 7.17 7.30
CA LYS A 178 -29.54 7.16 6.07
C LYS A 178 -29.13 8.39 5.29
N LYS A 179 -28.15 8.20 4.42
CA LYS A 179 -27.62 9.29 3.61
C LYS A 179 -27.70 8.94 2.12
N ASP A 180 -28.22 9.88 1.34
CA ASP A 180 -28.36 9.71 -0.10
C ASP A 180 -27.06 9.26 -0.76
N ASN A 181 -27.18 8.36 -1.74
CA ASN A 181 -26.00 7.88 -2.48
C ASN A 181 -24.98 7.16 -1.62
N GLU A 182 -25.37 6.77 -0.41
CA GLU A 182 -24.45 6.05 0.47
C GLU A 182 -25.13 4.83 1.06
N GLN A 183 -24.32 3.87 1.48
CA GLN A 183 -24.82 2.64 2.07
C GLN A 183 -24.15 2.51 3.44
N HIS A 184 -24.96 2.37 4.50
CA HIS A 184 -24.40 2.22 5.84
C HIS A 184 -24.71 0.87 6.48
N VAL A 185 -25.28 -0.04 5.69
CA VAL A 185 -25.62 -1.36 6.16
C VAL A 185 -24.99 -2.39 5.24
N CYS A 186 -24.29 -3.35 5.82
CA CYS A 186 -23.62 -4.39 5.06
C CYS A 186 -23.65 -5.70 5.82
N LYS A 187 -23.75 -6.80 5.09
CA LYS A 187 -23.69 -8.10 5.72
C LYS A 187 -22.18 -8.31 5.80
N VAL A 188 -21.69 -8.76 6.94
CA VAL A 188 -20.26 -8.97 7.15
C VAL A 188 -19.57 -9.78 6.06
N LYS A 189 -20.28 -10.73 5.45
CA LYS A 189 -19.66 -11.54 4.40
C LYS A 189 -19.67 -10.84 3.04
N ASP A 190 -20.55 -9.87 2.86
CA ASP A 190 -20.63 -9.14 1.60
C ASP A 190 -19.41 -8.24 1.46
N MET A 191 -18.37 -8.79 0.84
CA MET A 191 -17.12 -8.08 0.64
C MET A 191 -17.21 -6.87 -0.27
N GLU A 192 -18.19 -6.86 -1.18
CA GLU A 192 -18.36 -5.73 -2.08
C GLU A 192 -18.83 -4.51 -1.30
N CYS A 193 -19.82 -4.75 -0.45
CA CYS A 193 -20.40 -3.70 0.37
C CYS A 193 -19.36 -3.13 1.31
N LEU A 194 -18.71 -3.99 2.07
CA LEU A 194 -17.70 -3.54 3.01
C LEU A 194 -16.68 -2.67 2.31
N GLU A 195 -16.26 -3.12 1.14
CA GLU A 195 -15.27 -2.37 0.37
C GLU A 195 -15.76 -0.95 0.06
N ASP A 196 -17.03 -0.81 -0.34
CA ASP A 196 -17.59 0.51 -0.64
C ASP A 196 -17.63 1.40 0.60
N VAL A 197 -17.91 0.80 1.75
CA VAL A 197 -17.96 1.54 3.00
C VAL A 197 -16.66 2.31 3.23
N PHE A 198 -15.53 1.62 3.08
CA PHE A 198 -14.23 2.26 3.28
C PHE A 198 -14.10 3.57 2.52
N TYR A 199 -14.39 3.52 1.23
CA TYR A 199 -14.26 4.70 0.38
C TYR A 199 -15.24 5.83 0.70
N GLN A 200 -16.26 5.53 1.50
CA GLN A 200 -17.21 6.56 1.91
C GLN A 200 -16.62 7.21 3.16
N MET A 201 -15.95 6.41 3.98
CA MET A 201 -15.34 6.87 5.22
C MET A 201 -14.10 7.77 5.06
N ILE A 202 -13.16 7.33 4.24
CA ILE A 202 -11.92 8.06 4.05
C ILE A 202 -11.90 8.99 2.84
N ASP A 203 -11.30 10.17 3.02
CA ASP A 203 -11.20 11.15 1.95
C ASP A 203 -9.94 10.90 1.11
N GLU A 204 -10.16 10.40 -0.09
CA GLU A 204 -9.09 10.10 -1.04
C GLU A 204 -8.18 11.31 -1.26
N SER A 205 -8.78 12.50 -1.31
CA SER A 205 -8.05 13.74 -1.57
C SER A 205 -6.92 14.03 -0.61
N GLN A 206 -7.07 13.63 0.66
CA GLN A 206 -6.02 13.89 1.64
C GLN A 206 -4.81 13.00 1.48
N SER A 207 -4.88 12.03 0.58
CA SER A 207 -3.76 11.11 0.38
C SER A 207 -3.16 11.09 -1.03
N LEU A 208 -3.54 12.04 -1.88
CA LEU A 208 -3.02 12.09 -3.24
C LEU A 208 -1.52 12.39 -3.30
N SER A 209 -0.98 13.02 -2.27
CA SER A 209 0.44 13.34 -2.25
C SER A 209 1.28 12.20 -1.67
N LEU A 210 0.61 11.14 -1.21
CA LEU A 210 1.30 10.00 -0.62
C LEU A 210 1.91 9.06 -1.64
N CYS A 211 3.19 8.70 -1.46
CA CYS A 211 3.86 7.80 -2.37
C CYS A 211 3.52 6.35 -2.04
N GLY A 212 3.60 5.47 -3.03
CA GLY A 212 3.34 4.06 -2.83
C GLY A 212 1.89 3.70 -2.51
N MET A 213 0.97 4.57 -2.94
CA MET A 213 -0.45 4.37 -2.73
C MET A 213 -1.09 3.70 -3.93
N VAL A 214 -2.08 2.85 -3.69
CA VAL A 214 -2.82 2.18 -4.75
C VAL A 214 -4.33 2.18 -4.42
N TRP A 215 -5.17 2.45 -5.42
CA TRP A 215 -6.62 2.43 -5.22
C TRP A 215 -6.96 0.96 -5.51
N GLU A 216 -7.28 0.19 -4.47
CA GLU A 216 -7.53 -1.25 -4.63
C GLU A 216 -8.94 -1.75 -4.93
N HIS A 217 -9.91 -0.84 -5.01
CA HIS A 217 -11.30 -1.22 -5.30
C HIS A 217 -11.44 -2.24 -6.43
N ARG A 218 -12.48 -3.07 -6.35
CA ARG A 218 -12.74 -4.09 -7.35
C ARG A 218 -12.99 -3.55 -8.75
N LYS A 219 -13.42 -2.30 -8.85
CA LYS A 219 -13.69 -1.67 -10.14
C LYS A 219 -12.41 -1.10 -10.78
N GLY A 220 -11.32 -1.11 -10.04
CA GLY A 220 -10.08 -0.57 -10.55
C GLY A 220 -9.50 -1.30 -11.75
N THR A 221 -8.77 -0.56 -12.58
CA THR A 221 -8.14 -1.13 -13.77
C THR A 221 -6.67 -1.41 -13.47
N ASP A 222 -5.93 -1.84 -14.48
CA ASP A 222 -4.50 -2.12 -14.33
C ASP A 222 -3.76 -0.84 -13.94
N TYR A 223 -4.27 0.29 -14.42
CA TYR A 223 -3.67 1.58 -14.16
C TYR A 223 -3.93 2.01 -12.73
N HIS A 224 -5.03 1.54 -12.16
CA HIS A 224 -5.36 1.85 -10.77
C HIS A 224 -4.46 1.00 -9.85
N LYS A 225 -4.25 -0.25 -10.23
CA LYS A 225 -3.44 -1.17 -9.42
C LYS A 225 -1.92 -0.97 -9.51
N GLN A 226 -1.47 -0.28 -10.56
CA GLN A 226 -0.05 0.02 -10.75
C GLN A 226 0.06 1.45 -11.27
N PRO A 227 -0.39 2.43 -10.47
CA PRO A 227 -0.42 3.87 -10.76
C PRO A 227 0.94 4.50 -11.09
N TRP A 228 2.01 3.92 -10.56
CA TRP A 228 3.36 4.46 -10.78
C TRP A 228 3.97 4.01 -12.10
N GLN A 229 3.39 2.95 -12.68
CA GLN A 229 3.90 2.34 -13.90
C GLN A 229 3.94 3.27 -15.11
N ALA A 230 5.09 3.29 -15.78
CA ALA A 230 5.25 4.10 -16.98
C ALA A 230 5.81 3.24 -18.08
N LYS A 231 5.26 3.40 -19.29
CA LYS A 231 5.73 2.63 -20.43
C LYS A 231 6.59 3.59 -21.25
N ILE A 232 7.78 3.16 -21.65
CA ILE A 232 8.69 4.00 -22.41
C ILE A 232 8.94 3.43 -23.80
N SER A 233 8.84 4.29 -24.80
CA SER A 233 9.05 3.89 -26.19
C SER A 233 10.20 4.64 -26.82
N VAL A 234 11.07 3.91 -27.51
CA VAL A 234 12.19 4.52 -28.22
C VAL A 234 12.13 4.07 -29.67
N ILE A 235 11.88 5.01 -30.57
CA ILE A 235 11.79 4.67 -31.99
C ILE A 235 13.13 4.87 -32.70
N ARG A 236 13.60 3.79 -33.33
CA ARG A 236 14.87 3.80 -34.05
C ARG A 236 14.70 3.26 -35.46
N LYS A 239 17.01 0.82 -37.38
CA LYS A 239 17.20 0.00 -36.20
C LYS A 239 15.86 -0.31 -35.52
N GLY A 240 15.81 -1.41 -34.78
CA GLY A 240 14.59 -1.79 -34.12
C GLY A 240 14.16 -0.85 -33.01
N HIS A 241 12.87 -0.88 -32.68
CA HIS A 241 12.33 -0.01 -31.64
C HIS A 241 12.50 -0.62 -30.26
N GLU A 242 12.65 0.24 -29.27
CA GLU A 242 12.84 -0.20 -27.88
C GLU A 242 11.57 -0.01 -27.05
N SER A 243 11.37 -0.93 -26.12
CA SER A 243 10.23 -0.89 -25.22
C SER A 243 10.75 -1.16 -23.81
N CYS A 244 10.57 -0.19 -22.92
CA CYS A 244 11.00 -0.32 -21.53
C CYS A 244 9.91 0.14 -20.58
N MET A 245 10.11 -0.17 -19.31
CA MET A 245 9.18 0.23 -18.25
C MET A 245 9.93 1.16 -17.30
N GLY A 246 9.19 1.91 -16.53
CA GLY A 246 9.78 2.83 -15.58
C GLY A 246 8.77 3.08 -14.48
N ALA A 247 9.13 3.93 -13.53
CA ALA A 247 8.22 4.23 -12.44
C ALA A 247 8.25 5.72 -12.18
N VAL A 248 7.07 6.29 -11.97
CA VAL A 248 6.95 7.71 -11.67
C VAL A 248 7.48 7.88 -10.25
N VAL A 249 8.45 8.76 -10.06
CA VAL A 249 9.00 9.00 -8.71
C VAL A 249 8.71 10.40 -8.20
N SER A 250 8.26 11.27 -9.10
CA SER A 250 7.89 12.64 -8.76
C SER A 250 7.06 13.21 -9.91
N GLU A 251 6.57 14.43 -9.75
CA GLU A 251 5.74 15.04 -10.79
C GLU A 251 6.46 15.22 -12.13
N TYR A 252 7.78 15.39 -12.09
CA TYR A 252 8.54 15.57 -13.31
C TYR A 252 9.39 14.38 -13.74
N PHE A 253 9.64 13.44 -12.83
CA PHE A 253 10.55 12.32 -13.14
C PHE A 253 10.08 10.87 -13.18
N VAL A 254 10.66 10.12 -14.12
CA VAL A 254 10.38 8.71 -14.26
C VAL A 254 11.72 8.00 -14.16
N LEU A 255 11.82 7.04 -13.25
CA LEU A 255 13.06 6.28 -13.07
C LEU A 255 13.01 5.00 -13.88
N THR A 256 14.10 4.70 -14.59
CA THR A 256 14.17 3.51 -15.44
C THR A 256 15.63 3.06 -15.55
N ALA A 257 15.91 2.12 -16.44
CA ALA A 257 17.28 1.63 -16.62
C ALA A 257 18.00 2.42 -17.72
N ALA A 258 19.31 2.60 -17.54
CA ALA A 258 20.12 3.33 -18.50
C ALA A 258 20.26 2.62 -19.85
N HIS A 259 20.39 1.30 -19.84
CA HIS A 259 20.55 0.56 -21.09
C HIS A 259 19.37 0.66 -22.05
N CYS A 260 18.26 1.22 -21.57
CA CYS A 260 17.09 1.39 -22.42
C CYS A 260 17.38 2.46 -23.47
N PHE A 261 18.40 3.27 -23.23
CA PHE A 261 18.75 4.34 -24.14
C PHE A 261 20.22 4.36 -24.55
N THR A 262 20.51 5.15 -25.57
CA THR A 262 21.87 5.32 -26.08
C THR A 262 22.11 6.82 -26.30
N VAL A 263 23.37 7.23 -26.38
CA VAL A 263 23.69 8.63 -26.59
C VAL A 263 23.19 9.08 -27.96
N ASP A 264 22.92 8.12 -28.84
CA ASP A 264 22.43 8.41 -30.17
C ASP A 264 20.92 8.66 -30.25
N ASP A 265 20.18 8.20 -29.24
CA ASP A 265 18.74 8.41 -29.24
C ASP A 265 18.43 9.88 -29.01
N LYS A 266 17.59 10.45 -29.86
CA LYS A 266 17.21 11.85 -29.72
C LYS A 266 15.94 11.99 -28.88
N GLU A 267 15.88 13.06 -28.09
CA GLU A 267 14.74 13.33 -27.22
C GLU A 267 13.38 13.03 -27.86
N HIS A 268 13.14 13.58 -29.05
CA HIS A 268 11.86 13.38 -29.73
C HIS A 268 11.56 11.94 -30.13
N SER A 269 12.55 11.05 -30.05
CA SER A 269 12.32 9.66 -30.41
C SER A 269 11.90 8.85 -29.18
N ILE A 270 11.88 9.51 -28.03
CA ILE A 270 11.52 8.87 -26.77
C ILE A 270 10.17 9.36 -26.26
N LYS A 271 9.23 8.42 -26.05
CA LYS A 271 7.90 8.78 -25.55
C LYS A 271 7.55 7.97 -24.31
N VAL A 272 6.83 8.59 -23.39
CA VAL A 272 6.42 7.95 -22.14
C VAL A 272 4.90 7.91 -22.04
N SER A 273 4.38 6.80 -21.54
CA SER A 273 2.93 6.63 -21.38
C SER A 273 2.60 6.25 -19.94
N VAL A 274 1.64 6.98 -19.35
CA VAL A 274 1.22 6.71 -17.97
C VAL A 274 -0.28 6.88 -17.78
N GLY A 275 -0.78 6.35 -16.66
CA GLY A 275 -2.18 6.46 -16.29
C GLY A 275 -3.26 5.91 -17.19
N GLY A 276 -2.90 5.12 -18.18
CA GLY A 276 -3.91 4.59 -19.07
C GLY A 276 -4.42 5.64 -20.04
N GLU A 277 -3.68 6.75 -20.17
CA GLU A 277 -4.05 7.82 -21.10
C GLU A 277 -3.71 7.38 -22.52
N LYS A 278 -4.48 7.85 -23.50
CA LYS A 278 -4.22 7.46 -24.89
C LYS A 278 -2.97 8.16 -25.42
N ARG A 279 -2.79 9.41 -25.04
CA ARG A 279 -1.65 10.20 -25.48
C ARG A 279 -0.30 9.73 -24.94
N ASP A 280 0.76 10.19 -25.58
CA ASP A 280 2.13 9.91 -25.17
C ASP A 280 2.66 11.20 -24.58
N LEU A 281 3.72 11.09 -23.78
CA LEU A 281 4.30 12.27 -23.16
C LEU A 281 5.68 12.56 -23.72
N GLU A 282 5.95 13.84 -23.93
CA GLU A 282 7.25 14.26 -24.44
C GLU A 282 8.17 14.45 -23.25
N ILE A 283 9.45 14.15 -23.46
CA ILE A 283 10.44 14.30 -22.42
C ILE A 283 11.33 15.50 -22.69
N GLU A 284 11.94 16.03 -21.64
CA GLU A 284 12.87 17.14 -21.78
C GLU A 284 14.25 16.55 -22.02
N VAL A 285 14.64 15.60 -21.18
CA VAL A 285 15.96 14.97 -21.29
C VAL A 285 16.06 13.68 -20.50
N VAL A 286 17.09 12.90 -20.79
CA VAL A 286 17.33 11.64 -20.09
C VAL A 286 18.62 11.84 -19.29
N LEU A 287 18.55 11.61 -17.99
CA LEU A 287 19.73 11.77 -17.16
C LEU A 287 20.30 10.41 -16.80
N PHE A 288 21.39 10.03 -17.47
CA PHE A 288 22.03 8.75 -17.21
C PHE A 288 22.90 8.88 -15.97
N HIS A 289 23.00 7.79 -15.21
CA HIS A 289 23.86 7.82 -14.04
C HIS A 289 25.25 8.06 -14.62
N PRO A 290 26.01 9.00 -14.06
CA PRO A 290 27.36 9.32 -14.55
C PRO A 290 28.32 8.14 -14.63
N ASN A 291 28.14 7.14 -13.77
CA ASN A 291 29.02 5.98 -13.74
C ASN A 291 28.66 4.85 -14.70
N TYR A 292 27.52 4.97 -15.37
CA TYR A 292 27.09 3.93 -16.32
C TYR A 292 27.97 3.98 -17.58
N ASN A 293 28.47 2.82 -17.97
CA ASN A 293 29.33 2.69 -19.15
C ASN A 293 29.23 1.24 -19.56
N ILE A 294 28.39 0.95 -20.53
CA ILE A 294 28.18 -0.43 -20.96
C ILE A 294 29.42 -1.08 -21.57
N ASN A 295 30.40 -0.27 -21.98
CA ASN A 295 31.62 -0.79 -22.59
C ASN A 295 32.84 -0.62 -21.69
N GLY A 296 32.62 -0.32 -20.42
CA GLY A 296 33.74 -0.10 -19.51
C GLY A 296 34.55 -1.29 -19.03
N LYS A 297 34.06 -2.51 -19.22
CA LYS A 297 34.77 -3.69 -18.75
C LYS A 297 35.02 -4.77 -19.80
N LYS A 298 34.99 -4.41 -21.07
CA LYS A 298 35.20 -5.38 -22.13
C LYS A 298 36.52 -6.14 -21.95
N GLU A 299 37.54 -5.41 -21.54
CA GLU A 299 38.87 -5.97 -21.32
C GLU A 299 38.85 -7.09 -20.28
N ALA A 300 37.97 -6.96 -19.29
CA ALA A 300 37.85 -7.96 -18.24
C ALA A 300 36.93 -9.10 -18.69
N GLY A 301 36.56 -9.09 -19.96
CA GLY A 301 35.69 -10.14 -20.47
C GLY A 301 34.22 -9.90 -20.19
N ILE A 302 33.84 -8.62 -20.09
CA ILE A 302 32.46 -8.25 -19.83
C ILE A 302 32.00 -7.40 -21.02
N PRO A 303 31.39 -8.04 -22.02
CA PRO A 303 30.89 -7.38 -23.24
C PRO A 303 29.96 -6.20 -22.95
N GLU A 304 28.99 -6.43 -22.06
CA GLU A 304 28.03 -5.39 -21.67
C GLU A 304 28.10 -5.26 -20.15
N PHE A 305 28.54 -4.10 -19.67
CA PHE A 305 28.68 -3.84 -18.24
C PHE A 305 27.47 -3.03 -17.74
N TYR A 306 26.63 -3.65 -16.91
CA TYR A 306 25.43 -2.96 -16.41
C TYR A 306 25.53 -2.29 -15.04
N ASP A 307 26.74 -2.05 -14.56
CA ASP A 307 26.91 -1.39 -13.26
C ASP A 307 26.27 -0.01 -13.37
N TYR A 308 25.57 0.41 -12.31
CA TYR A 308 24.92 1.71 -12.29
C TYR A 308 23.94 1.89 -13.45
N ASP A 309 23.19 0.84 -13.77
CA ASP A 309 22.26 0.85 -14.88
C ASP A 309 20.94 1.55 -14.52
N VAL A 310 21.01 2.85 -14.29
CA VAL A 310 19.81 3.62 -13.95
C VAL A 310 19.83 4.95 -14.67
N ALA A 311 18.66 5.52 -14.90
CA ALA A 311 18.52 6.79 -15.58
C ALA A 311 17.21 7.46 -15.19
N LEU A 312 17.22 8.79 -15.14
CA LEU A 312 16.02 9.54 -14.81
C LEU A 312 15.53 10.33 -16.00
N ILE A 313 14.28 10.13 -16.38
CA ILE A 313 13.67 10.82 -17.51
C ILE A 313 12.91 12.03 -16.99
N LYS A 314 13.33 13.23 -17.36
CA LYS A 314 12.60 14.40 -16.93
C LYS A 314 11.57 14.68 -18.02
N LEU A 315 10.32 14.82 -17.60
CA LEU A 315 9.23 15.05 -18.54
C LEU A 315 9.11 16.53 -18.90
N LYS A 316 8.55 16.80 -20.08
CA LYS A 316 8.41 18.18 -20.54
C LYS A 316 7.36 18.84 -19.67
N ASN A 317 6.22 18.17 -19.52
CA ASN A 317 5.12 18.68 -18.70
C ASN A 317 5.04 17.97 -17.35
N LYS A 318 4.61 18.72 -16.34
CA LYS A 318 4.47 18.22 -14.97
C LYS A 318 3.22 17.34 -14.85
N LEU A 319 3.35 16.23 -14.14
CA LEU A 319 2.22 15.33 -13.96
C LEU A 319 1.40 15.80 -12.77
N LYS A 320 0.14 15.40 -12.74
CA LYS A 320 -0.74 15.72 -11.62
C LYS A 320 -1.11 14.36 -11.09
N TYR A 321 -1.05 14.20 -9.77
CA TYR A 321 -1.37 12.91 -9.14
C TYR A 321 -2.87 12.65 -9.03
N GLY A 322 -3.27 11.47 -9.49
CA GLY A 322 -4.67 11.07 -9.43
C GLY A 322 -4.71 9.58 -9.12
N GLN A 323 -5.88 8.97 -9.24
CA GLN A 323 -5.99 7.54 -8.95
C GLN A 323 -5.29 6.63 -9.96
N THR A 324 -4.88 7.17 -11.10
CA THR A 324 -4.19 6.38 -12.12
C THR A 324 -2.74 6.82 -12.37
N ILE A 325 -2.32 7.89 -11.70
CA ILE A 325 -0.96 8.39 -11.86
C ILE A 325 -0.49 8.86 -10.49
N ARG A 326 0.40 8.06 -9.88
CA ARG A 326 0.92 8.36 -8.55
C ARG A 326 2.37 7.91 -8.45
N PRO A 327 3.16 8.58 -7.59
CA PRO A 327 4.56 8.21 -7.46
C PRO A 327 4.76 7.03 -6.51
N ILE A 328 5.80 6.24 -6.78
CA ILE A 328 6.13 5.11 -5.92
C ILE A 328 7.12 5.68 -4.91
N CYS A 329 7.25 5.06 -3.74
CA CYS A 329 8.15 5.56 -2.72
C CYS A 329 9.60 5.16 -3.01
N LEU A 330 10.54 6.05 -2.70
CA LEU A 330 11.95 5.75 -2.92
C LEU A 330 12.68 5.54 -1.59
N PRO A 331 13.74 4.72 -1.58
CA PRO A 331 14.49 4.47 -0.34
C PRO A 331 15.05 5.75 0.26
N CYS A 332 15.09 5.79 1.59
CA CYS A 332 15.64 6.91 2.36
C CYS A 332 15.09 8.30 2.09
N THR A 333 13.77 8.40 2.07
CA THR A 333 13.06 9.65 1.88
C THR A 333 12.07 9.76 3.04
N GLU A 334 11.59 10.97 3.31
CA GLU A 334 10.62 11.15 4.39
C GLU A 334 9.32 10.46 4.02
N GLY A 335 9.05 10.39 2.72
CA GLY A 335 7.83 9.74 2.25
C GLY A 335 7.81 8.28 2.66
N THR A 336 8.93 7.60 2.50
CA THR A 336 9.03 6.18 2.84
C THR A 336 8.95 5.95 4.35
N THR A 337 9.52 6.87 5.11
CA THR A 337 9.49 6.78 6.57
C THR A 337 8.03 6.76 7.03
N ARG A 338 7.24 7.70 6.51
CA ARG A 338 5.82 7.80 6.87
C ARG A 338 5.03 6.60 6.36
N ALA A 339 5.34 6.15 5.15
CA ALA A 339 4.65 5.02 4.56
C ALA A 339 4.84 3.79 5.43
N LEU A 340 6.01 3.70 6.07
CA LEU A 340 6.32 2.58 6.95
C LEU A 340 5.85 2.84 8.37
N ARG A 341 5.28 4.01 8.60
CA ARG A 341 4.77 4.42 9.91
C ARG A 341 5.87 4.45 10.98
N LEU A 342 7.00 5.01 10.61
CA LEU A 342 8.14 5.12 11.51
C LEU A 342 8.31 6.58 11.96
N PRO A 343 8.97 6.79 13.12
CA PRO A 343 9.17 8.15 13.63
C PRO A 343 10.09 8.97 12.73
N PRO A 344 9.98 10.31 12.80
CA PRO A 344 10.77 11.26 12.01
C PRO A 344 12.28 11.17 12.24
N THR A 345 12.69 10.45 13.27
CA THR A 345 14.12 10.31 13.57
C THR A 345 14.70 9.07 12.90
N THR A 346 13.87 8.36 12.13
CA THR A 346 14.32 7.17 11.42
C THR A 346 15.48 7.48 10.47
N THR A 347 16.44 6.57 10.38
CA THR A 347 17.60 6.79 9.51
C THR A 347 17.56 5.92 8.27
N CYS A 348 18.39 6.29 7.29
CA CYS A 348 18.51 5.55 6.04
C CYS A 348 18.88 4.11 6.36
N GLN A 349 19.83 3.93 7.27
CA GLN A 349 20.27 2.59 7.66
C GLN A 349 19.09 1.82 8.26
N GLN A 350 18.29 2.50 9.07
CA GLN A 350 17.14 1.85 9.68
C GLN A 350 16.15 1.43 8.58
N GLN A 351 15.93 2.30 7.60
CA GLN A 351 15.04 1.96 6.49
C GLN A 351 15.59 0.76 5.74
N LYS A 352 16.90 0.76 5.52
CA LYS A 352 17.57 -0.32 4.80
C LYS A 352 17.40 -1.66 5.51
N GLU A 353 17.53 -1.64 6.83
CA GLU A 353 17.37 -2.87 7.60
C GLU A 353 15.93 -3.36 7.52
N GLU A 354 14.99 -2.43 7.44
CA GLU A 354 13.57 -2.78 7.35
C GLU A 354 13.19 -3.30 5.95
N LEU A 355 13.62 -2.61 4.91
CA LEU A 355 13.31 -2.98 3.53
C LEU A 355 14.19 -4.09 2.93
N LEU A 356 15.48 -4.05 3.21
CA LEU A 356 16.39 -5.07 2.67
C LEU A 356 17.14 -5.84 3.75
N PRO A 357 16.42 -6.62 4.57
CA PRO A 357 17.06 -7.40 5.62
C PRO A 357 17.98 -8.47 5.03
N ALA A 358 18.87 -9.03 5.83
CA ALA A 358 19.79 -10.06 5.36
C ALA A 358 19.10 -11.41 5.31
N GLN A 359 18.32 -11.63 4.26
CA GLN A 359 17.58 -12.88 4.11
C GLN A 359 16.89 -12.91 2.75
N ASP A 360 16.00 -13.87 2.56
CA ASP A 360 15.24 -13.96 1.32
C ASP A 360 14.11 -12.94 1.49
N ILE A 361 14.09 -11.94 0.63
CA ILE A 361 13.09 -10.89 0.73
C ILE A 361 11.95 -10.98 -0.28
N LYS A 362 10.73 -11.00 0.24
CA LYS A 362 9.53 -11.06 -0.59
C LYS A 362 9.39 -9.74 -1.35
N ALA A 363 9.29 -9.83 -2.66
CA ALA A 363 9.15 -8.62 -3.49
C ALA A 363 8.31 -8.91 -4.73
N LEU A 364 8.22 -7.93 -5.61
CA LEU A 364 7.44 -8.09 -6.82
C LEU A 364 7.86 -7.11 -7.89
N PHE A 365 7.49 -7.42 -9.13
CA PHE A 365 7.74 -6.53 -10.25
C PHE A 365 6.49 -6.62 -11.09
N VAL A 366 6.30 -5.65 -11.97
CA VAL A 366 5.12 -5.63 -12.83
C VAL A 366 5.53 -6.01 -14.25
N SER A 367 4.68 -6.80 -14.90
CA SER A 367 4.95 -7.24 -16.26
C SER A 367 3.71 -7.05 -17.12
N GLU A 368 3.91 -6.64 -18.36
CA GLU A 368 2.80 -6.44 -19.28
C GLU A 368 2.64 -7.72 -20.08
N GLU A 369 1.54 -8.42 -19.86
CA GLU A 369 1.26 -9.67 -20.57
C GLU A 369 0.06 -9.51 -21.48
N GLU A 370 0.31 -9.03 -22.70
CA GLU A 370 -0.75 -8.83 -23.69
C GLU A 370 -1.75 -7.76 -23.24
N LYS A 371 -1.28 -6.51 -23.25
CA LYS A 371 -2.11 -5.37 -22.88
C LYS A 371 -2.49 -5.31 -21.40
N LYS A 372 -2.20 -6.36 -20.64
CA LYS A 372 -2.55 -6.39 -19.23
C LYS A 372 -1.33 -6.39 -18.30
N LEU A 373 -1.44 -5.67 -17.19
CA LEU A 373 -0.36 -5.60 -16.21
C LEU A 373 -0.63 -6.58 -15.08
N THR A 374 0.37 -7.36 -14.72
CA THR A 374 0.22 -8.33 -13.64
C THR A 374 1.44 -8.32 -12.72
N ARG A 375 1.20 -8.48 -11.42
CA ARG A 375 2.29 -8.50 -10.46
C ARG A 375 2.89 -9.90 -10.39
N LYS A 376 4.22 -9.95 -10.40
CA LYS A 376 4.95 -11.20 -10.32
C LYS A 376 5.73 -11.21 -9.03
N GLU A 377 5.43 -12.16 -8.15
CA GLU A 377 6.10 -12.26 -6.86
C GLU A 377 7.44 -12.96 -7.01
N VAL A 378 8.48 -12.37 -6.42
CA VAL A 378 9.82 -12.95 -6.48
C VAL A 378 10.47 -12.81 -5.13
N TYR A 379 11.65 -13.39 -4.99
CA TYR A 379 12.38 -13.30 -3.73
C TYR A 379 13.79 -12.81 -3.97
N ILE A 380 14.17 -11.76 -3.24
CA ILE A 380 15.50 -11.19 -3.33
C ILE A 380 16.41 -11.99 -2.41
N LYS A 381 17.42 -12.65 -2.98
CA LYS A 381 18.35 -13.44 -2.19
C LYS A 381 19.37 -12.51 -1.56
N ASN A 382 19.08 -12.04 -0.36
CA ASN A 382 19.97 -11.12 0.33
C ASN A 382 20.53 -11.73 1.61
N GLY A 383 20.37 -13.05 1.73
CA GLY A 383 20.88 -13.76 2.89
C GLY A 383 22.08 -14.58 2.45
N ASP A 384 22.37 -15.67 3.17
CA ASP A 384 23.51 -16.49 2.80
C ASP A 384 23.23 -17.29 1.54
N LYS A 385 22.19 -16.89 0.82
CA LYS A 385 21.81 -17.56 -0.43
C LYS A 385 22.19 -16.62 -1.59
N LYS A 386 22.71 -15.45 -1.23
CA LYS A 386 23.12 -14.43 -2.19
C LYS A 386 24.22 -14.86 -3.17
N GLY A 387 25.31 -15.39 -2.63
CA GLY A 387 26.42 -15.82 -3.47
C GLY A 387 26.03 -16.78 -4.57
N SER A 388 25.18 -17.76 -4.23
CA SER A 388 24.74 -18.75 -5.19
C SER A 388 23.96 -18.10 -6.33
N CYS A 389 23.17 -17.10 -6.00
CA CYS A 389 22.38 -16.39 -7.00
C CYS A 389 23.33 -15.63 -7.92
N GLU A 390 24.25 -14.86 -7.32
CA GLU A 390 25.22 -14.07 -8.09
C GLU A 390 26.13 -14.92 -8.98
N ARG A 391 26.56 -16.07 -8.48
CA ARG A 391 27.46 -16.92 -9.26
C ARG A 391 26.80 -17.48 -10.52
N ASP A 392 25.49 -17.64 -10.49
CA ASP A 392 24.79 -18.14 -11.67
C ASP A 392 24.90 -17.16 -12.83
N ALA A 393 25.51 -16.01 -12.57
CA ALA A 393 25.68 -15.01 -13.61
C ALA A 393 26.68 -15.51 -14.66
N GLN A 394 27.38 -16.59 -14.31
CA GLN A 394 28.38 -17.18 -15.20
C GLN A 394 27.75 -17.78 -16.46
N TYR A 395 26.49 -18.24 -16.34
CA TYR A 395 25.80 -18.85 -17.47
C TYR A 395 25.12 -17.82 -18.35
N ALA A 396 25.39 -16.55 -18.09
CA ALA A 396 24.81 -15.46 -18.87
C ALA A 396 25.53 -15.35 -20.22
N PRO A 397 24.79 -14.99 -21.29
CA PRO A 397 25.36 -14.84 -22.63
C PRO A 397 26.53 -13.87 -22.66
N GLY A 398 27.69 -14.34 -23.11
CA GLY A 398 28.86 -13.49 -23.18
C GLY A 398 29.63 -13.36 -21.88
N TYR A 399 29.18 -14.03 -20.83
CA TYR A 399 29.85 -13.95 -19.53
C TYR A 399 30.65 -15.20 -19.19
N ASP A 400 30.81 -16.09 -20.16
CA ASP A 400 31.55 -17.33 -19.95
C ASP A 400 33.04 -17.16 -19.68
N LYS A 401 33.65 -16.07 -20.18
CA LYS A 401 35.06 -15.88 -19.94
C LYS A 401 35.37 -14.76 -18.95
N VAL A 402 34.41 -14.46 -18.09
CA VAL A 402 34.61 -13.42 -17.08
C VAL A 402 35.57 -13.96 -16.03
N LYS A 403 36.66 -13.22 -15.81
CA LYS A 403 37.67 -13.62 -14.83
C LYS A 403 37.04 -13.80 -13.46
N ASP A 404 36.66 -12.68 -12.86
CA ASP A 404 36.04 -12.68 -11.53
C ASP A 404 34.59 -12.23 -11.71
N ILE A 405 33.65 -13.16 -11.51
CA ILE A 405 32.24 -12.85 -11.68
C ILE A 405 31.78 -11.66 -10.84
N SER A 406 32.47 -11.38 -9.74
CA SER A 406 32.11 -10.26 -8.88
C SER A 406 32.40 -8.94 -9.59
N GLU A 407 33.15 -9.00 -10.68
CA GLU A 407 33.45 -7.78 -11.41
C GLU A 407 32.26 -7.40 -12.27
N VAL A 408 31.44 -8.40 -12.63
CA VAL A 408 30.26 -8.14 -13.44
C VAL A 408 29.08 -7.91 -12.49
N VAL A 409 28.99 -8.73 -11.45
CA VAL A 409 27.92 -8.60 -10.46
C VAL A 409 28.49 -7.76 -9.33
N THR A 410 28.40 -6.44 -9.50
CA THR A 410 28.92 -5.48 -8.55
C THR A 410 28.01 -5.30 -7.33
N PRO A 411 28.49 -4.55 -6.32
CA PRO A 411 27.72 -4.30 -5.11
C PRO A 411 26.41 -3.55 -5.40
N ARG A 412 26.25 -3.08 -6.64
CA ARG A 412 25.04 -2.36 -7.01
C ARG A 412 23.85 -3.24 -7.33
N PHE A 413 24.06 -4.56 -7.36
CA PHE A 413 22.97 -5.46 -7.71
C PHE A 413 22.26 -6.24 -6.61
N LEU A 414 20.97 -6.47 -6.85
CA LEU A 414 20.09 -7.25 -6.00
C LEU A 414 19.82 -8.43 -6.93
N CYS A 415 19.55 -9.61 -6.37
CA CYS A 415 19.32 -10.80 -7.19
C CYS A 415 18.01 -11.52 -6.88
N THR A 416 17.27 -11.89 -7.93
CA THR A 416 16.02 -12.62 -7.79
C THR A 416 16.04 -13.79 -8.77
N GLY A 417 15.00 -14.61 -8.74
CA GLY A 417 14.93 -15.76 -9.64
C GLY A 417 15.44 -17.03 -8.99
N GLY A 418 15.15 -18.17 -9.62
CA GLY A 418 15.61 -19.43 -9.07
C GLY A 418 14.47 -20.31 -8.57
N VAL A 419 14.83 -21.42 -7.93
CA VAL A 419 13.85 -22.38 -7.42
C VAL A 419 13.85 -22.44 -5.90
N SER A 420 14.71 -21.65 -5.26
CA SER A 420 14.81 -21.64 -3.81
C SER A 420 14.86 -20.20 -3.32
N PRO A 421 14.05 -19.86 -2.29
CA PRO A 421 13.12 -20.73 -1.56
C PRO A 421 11.87 -21.13 -2.34
N TYR A 422 11.56 -20.39 -3.41
CA TYR A 422 10.38 -20.72 -4.21
C TYR A 422 10.69 -20.57 -5.68
N ALA A 423 9.85 -21.12 -6.53
CA ALA A 423 10.05 -21.01 -7.97
C ALA A 423 9.69 -19.58 -8.36
N ASP A 424 10.71 -18.76 -8.55
CA ASP A 424 10.53 -17.36 -8.93
C ASP A 424 10.25 -17.21 -10.42
N PRO A 425 9.36 -16.29 -10.77
CA PRO A 425 9.07 -16.07 -12.19
C PRO A 425 10.19 -15.13 -12.66
N ASN A 426 10.42 -15.03 -13.96
CA ASN A 426 11.48 -14.16 -14.46
C ASN A 426 10.97 -12.95 -15.22
N THR A 427 11.79 -11.91 -15.26
CA THR A 427 11.45 -10.68 -15.98
C THR A 427 11.60 -10.93 -17.48
N CYS A 428 10.79 -10.25 -18.28
CA CYS A 428 10.86 -10.37 -19.72
C CYS A 428 11.54 -9.09 -20.23
N ARG A 429 12.01 -9.12 -21.48
CA ARG A 429 12.69 -7.96 -22.05
C ARG A 429 11.90 -6.66 -21.93
N GLY A 430 10.59 -6.75 -22.13
CA GLY A 430 9.75 -5.57 -22.03
C GLY A 430 9.62 -5.02 -20.62
N ASP A 431 9.97 -5.80 -19.61
CA ASP A 431 9.87 -5.34 -18.21
C ASP A 431 11.10 -4.57 -17.77
N SER A 432 12.14 -4.64 -18.59
CA SER A 432 13.41 -3.97 -18.30
C SER A 432 13.24 -2.50 -17.92
N GLY A 433 13.89 -2.08 -16.84
CA GLY A 433 13.79 -0.69 -16.40
C GLY A 433 12.70 -0.51 -15.36
N GLY A 434 11.77 -1.46 -15.30
CA GLY A 434 10.68 -1.38 -14.34
C GLY A 434 11.15 -1.48 -12.91
N PRO A 435 10.29 -1.13 -11.93
CA PRO A 435 10.66 -1.20 -10.53
C PRO A 435 10.56 -2.58 -9.88
N LEU A 436 11.47 -2.86 -8.96
CA LEU A 436 11.46 -4.11 -8.19
C LEU A 436 10.94 -3.53 -6.90
N ILE A 437 9.80 -4.05 -6.44
CA ILE A 437 9.10 -3.51 -5.29
C ILE A 437 8.88 -4.36 -4.03
N VAL A 438 8.87 -3.69 -2.88
CA VAL A 438 8.60 -4.35 -1.61
C VAL A 438 7.27 -3.78 -1.09
N HIS A 439 6.38 -4.66 -0.67
CA HIS A 439 5.06 -4.27 -0.18
C HIS A 439 5.03 -4.28 1.35
N LYS A 440 4.95 -3.11 1.96
CA LYS A 440 4.93 -3.00 3.42
C LYS A 440 3.94 -1.98 3.94
N ARG A 441 3.26 -2.32 5.03
CA ARG A 441 2.28 -1.42 5.63
C ARG A 441 1.25 -1.01 4.58
N SER A 442 0.91 -1.95 3.71
CA SER A 442 -0.05 -1.72 2.63
C SER A 442 0.41 -0.65 1.65
N ARG A 443 1.71 -0.33 1.67
CA ARG A 443 2.27 0.67 0.76
C ARG A 443 3.33 0.02 -0.13
N PHE A 444 3.68 0.68 -1.23
CA PHE A 444 4.64 0.14 -2.17
C PHE A 444 5.90 0.98 -2.25
N ILE A 445 7.04 0.35 -1.94
CA ILE A 445 8.34 1.02 -1.94
C ILE A 445 9.25 0.42 -3.01
N GLN A 446 9.84 1.25 -3.86
CA GLN A 446 10.75 0.73 -4.87
C GLN A 446 12.15 0.54 -4.28
N VAL A 447 12.71 -0.66 -4.39
CA VAL A 447 14.05 -0.90 -3.88
C VAL A 447 15.04 -1.12 -5.01
N GLY A 448 14.53 -1.43 -6.20
CA GLY A 448 15.43 -1.65 -7.31
C GLY A 448 14.89 -1.35 -8.70
N VAL A 449 15.78 -1.42 -9.68
CA VAL A 449 15.43 -1.20 -11.07
C VAL A 449 15.84 -2.44 -11.87
N ILE A 450 14.89 -3.03 -12.59
CA ILE A 450 15.16 -4.24 -13.37
C ILE A 450 16.25 -3.95 -14.41
N SER A 451 17.35 -4.71 -14.32
CA SER A 451 18.48 -4.46 -15.21
C SER A 451 18.78 -5.51 -16.27
N TRP A 452 19.08 -6.73 -15.85
CA TRP A 452 19.41 -7.79 -16.79
C TRP A 452 19.20 -9.17 -16.20
N GLY A 453 19.20 -10.18 -17.07
CA GLY A 453 19.01 -11.55 -16.64
C GLY A 453 19.98 -12.55 -17.25
N VAL A 454 20.04 -13.73 -16.65
CA VAL A 454 20.92 -14.79 -17.11
C VAL A 454 20.32 -15.51 -18.32
N VAL A 455 19.04 -15.83 -18.21
CA VAL A 455 18.34 -16.54 -19.27
C VAL A 455 17.12 -15.80 -19.78
N ASP A 456 16.96 -15.74 -21.10
CA ASP A 456 15.80 -15.10 -21.70
C ASP A 456 14.74 -16.17 -21.79
N VAL A 457 13.91 -16.27 -20.76
CA VAL A 457 12.87 -17.29 -20.70
C VAL A 457 11.49 -16.86 -21.19
N CYS A 458 11.44 -15.80 -22.00
CA CYS A 458 10.17 -15.32 -22.53
C CYS A 458 10.17 -15.43 -24.05
N VAL A 467 11.76 -23.62 -16.40
CA VAL A 467 12.95 -22.84 -16.73
C VAL A 467 14.13 -23.32 -15.89
N PRO A 468 15.36 -22.99 -16.31
CA PRO A 468 16.59 -23.38 -15.59
C PRO A 468 16.66 -22.82 -14.17
N ALA A 469 17.31 -23.57 -13.28
CA ALA A 469 17.47 -23.15 -11.90
C ALA A 469 18.42 -21.97 -11.76
N HIS A 470 19.21 -21.73 -12.81
CA HIS A 470 20.17 -20.63 -12.79
C HIS A 470 19.62 -19.40 -13.52
N ALA A 471 18.31 -19.39 -13.75
CA ALA A 471 17.66 -18.27 -14.42
C ALA A 471 17.47 -17.16 -13.40
N ARG A 472 18.50 -16.36 -13.17
CA ARG A 472 18.43 -15.28 -12.20
C ARG A 472 18.23 -13.93 -12.89
N ASP A 473 17.76 -12.95 -12.13
CA ASP A 473 17.55 -11.60 -12.64
C ASP A 473 18.24 -10.64 -11.68
N PHE A 474 18.95 -9.66 -12.25
CA PHE A 474 19.67 -8.67 -11.46
C PHE A 474 19.04 -7.29 -11.62
N HIS A 475 18.98 -6.58 -10.50
CA HIS A 475 18.36 -5.26 -10.44
C HIS A 475 19.32 -4.31 -9.74
N ILE A 476 19.27 -3.03 -10.11
CA ILE A 476 20.13 -2.06 -9.46
C ILE A 476 19.48 -1.71 -8.12
N ASN A 477 20.23 -1.93 -7.04
CA ASN A 477 19.79 -1.64 -5.67
C ASN A 477 19.76 -0.13 -5.54
N LEU A 478 18.58 0.45 -5.35
CA LEU A 478 18.49 1.90 -5.22
C LEU A 478 19.25 2.46 -4.02
N PHE A 479 19.40 1.65 -2.98
CA PHE A 479 20.13 2.12 -1.81
C PHE A 479 21.57 2.38 -2.21
N GLN A 480 22.02 1.73 -3.28
CA GLN A 480 23.41 1.89 -3.73
C GLN A 480 23.65 3.06 -4.69
N VAL A 481 22.59 3.79 -5.03
CA VAL A 481 22.75 4.94 -5.91
C VAL A 481 22.05 6.18 -5.33
N LEU A 482 21.91 6.20 -4.01
CA LEU A 482 21.26 7.32 -3.33
C LEU A 482 21.90 8.68 -3.56
N PRO A 483 23.25 8.77 -3.51
CA PRO A 483 23.87 10.08 -3.74
C PRO A 483 23.44 10.71 -5.07
N TRP A 484 23.29 9.89 -6.09
CA TRP A 484 22.86 10.37 -7.41
C TRP A 484 21.37 10.73 -7.40
N LEU A 485 20.57 9.86 -6.82
CA LEU A 485 19.13 10.11 -6.74
C LEU A 485 18.89 11.40 -5.99
N LYS A 486 19.54 11.52 -4.84
CA LYS A 486 19.43 12.68 -3.97
C LYS A 486 19.80 13.96 -4.72
N GLU A 487 20.84 13.86 -5.53
CA GLU A 487 21.33 15.00 -6.31
C GLU A 487 20.40 15.43 -7.44
N LYS A 488 19.97 14.48 -8.26
CA LYS A 488 19.09 14.81 -9.39
C LYS A 488 17.66 15.13 -9.00
N LEU A 489 17.23 14.65 -7.83
CA LEU A 489 15.86 14.89 -7.37
C LEU A 489 15.80 15.86 -6.18
N GLN A 490 16.90 16.54 -5.90
CA GLN A 490 16.95 17.49 -4.78
C GLN A 490 15.86 18.56 -4.77
N ASP A 491 15.36 18.93 -5.95
CA ASP A 491 14.33 19.95 -6.04
C ASP A 491 12.92 19.37 -6.21
N GLU A 492 12.78 18.05 -6.13
CA GLU A 492 11.48 17.42 -6.33
C GLU A 492 10.59 17.28 -5.09
N ASP A 493 11.01 17.88 -3.98
CA ASP A 493 10.23 17.84 -2.75
C ASP A 493 9.95 16.42 -2.26
N LEU A 494 10.95 15.56 -2.30
CA LEU A 494 10.81 14.17 -1.85
C LEU A 494 11.38 13.99 -0.45
N GLY A 495 12.10 15.00 0.01
CA GLY A 495 12.68 14.95 1.34
C GLY A 495 13.64 13.80 1.63
N PHE A 496 14.70 13.69 0.84
CA PHE A 496 15.67 12.63 1.10
C PHE A 496 16.33 12.89 2.45
N LEU A 497 16.67 11.81 3.16
CA LEU A 497 17.30 11.93 4.46
C LEU A 497 18.77 12.33 4.33
#